data_6H7T
#
_entry.id   6H7T
#
_cell.length_a   82.971
_cell.length_b   82.971
_cell.length_c   140.710
_cell.angle_alpha   90.000
_cell.angle_beta   90.000
_cell.angle_gamma   90.000
#
_symmetry.space_group_name_H-M   'P 43 21 2'
#
loop_
_entity.id
_entity.type
_entity.pdbx_description
1 polymer 'Soluble quino protein glucose dehydrogenase'
2 branched 2-acetamido-2-deoxy-beta-D-glucopyranose-(1-4)-2-acetamido-2-deoxy-beta-D-glucopyranose
3 branched beta-D-mannopyranose-(1-4)-2-acetamido-2-deoxy-beta-D-glucopyranose-(1-4)-2-acetamido-2-deoxy-beta-D-glucopyranose
4 non-polymer 'TRIETHYLENE GLYCOL'
5 non-polymer 'CALCIUM ION'
6 non-polymer 2-acetamido-2-deoxy-beta-D-glucopyranose
7 water water
#
_entity_poly.entity_id   1
_entity_poly.type   'polypeptide(L)'
_entity_poly.pdbx_seq_one_letter_code
;TTNNLQVTYPAPVAADGWEYRLISTGLTAPRSIVFDSTGGLLVLDAGVGVRRLTLQDNGGTCLSVTANATLIADTALNHG
LAISADGGTIYASTVNDVYAYTYNEQTNTVDPTTRRTVVTNMTNTDHVTRTLLLSSRLPNELLVSRGSAANEDPQARNVT
SGHSQIRAYDISTLAATDPPFDFVAGTLIGWGLRDSVGVGENPTNGGIWSVENSVDDLTREGVDVHQDNPGEELNFHGIL
GNTANQGGNYGYPDCYALWSTAGFPDLGALEVGDQFASDNATAGVTDATCNTNFVDPRLVFQAHVSPLDIKFNTNGTTAY
ITFHGSTDRTTPVGYSIVSVAFGLNGQPTSPMDSTTAANNILTSPDLTQCPDDCFTPVGLTFDTIGRLFFSSDSTGEIFV
LQQS
;
_entity_poly.pdbx_strand_id   A
#
loop_
_chem_comp.id
_chem_comp.type
_chem_comp.name
_chem_comp.formula
BMA D-saccharide, beta linking beta-D-mannopyranose 'C6 H12 O6'
CA non-polymer 'CALCIUM ION' 'Ca 2'
NAG D-saccharide, beta linking 2-acetamido-2-deoxy-beta-D-glucopyranose 'C8 H15 N O6'
PGE non-polymer 'TRIETHYLENE GLYCOL' 'C6 H14 O4'
#
# COMPACT_ATOMS: atom_id res chain seq x y z
N THR A 1 -25.10 -18.33 0.69
CA THR A 1 -24.83 -17.40 -0.46
C THR A 1 -25.63 -17.75 -1.72
N THR A 2 -26.05 -16.71 -2.44
CA THR A 2 -26.53 -16.77 -3.85
C THR A 2 -25.70 -17.73 -4.68
N ASN A 3 -24.41 -17.45 -4.77
CA ASN A 3 -23.49 -18.14 -5.68
C ASN A 3 -22.38 -18.78 -4.84
N ASN A 4 -21.78 -19.82 -5.40
CA ASN A 4 -20.74 -20.59 -4.72
C ASN A 4 -19.43 -20.43 -5.53
N LEU A 5 -18.71 -19.33 -5.32
CA LEU A 5 -17.52 -19.04 -6.10
C LEU A 5 -16.36 -19.89 -5.56
N GLN A 6 -15.45 -20.39 -6.41
CA GLN A 6 -14.34 -21.21 -5.84
C GLN A 6 -13.11 -20.71 -6.54
N VAL A 7 -11.98 -20.83 -5.90
CA VAL A 7 -10.71 -20.38 -6.51
C VAL A 7 -10.29 -21.43 -7.50
N THR A 8 -9.39 -21.02 -8.37
CA THR A 8 -8.98 -21.80 -9.53
C THR A 8 -7.53 -22.16 -9.40
N TYR A 9 -6.98 -22.19 -8.18
CA TYR A 9 -5.57 -22.46 -7.93
C TYR A 9 -5.59 -23.02 -6.53
N PRO A 10 -4.51 -23.68 -6.10
CA PRO A 10 -4.48 -24.22 -4.73
C PRO A 10 -4.73 -23.14 -3.64
N ALA A 11 -5.72 -23.38 -2.80
CA ALA A 11 -6.38 -22.32 -2.12
C ALA A 11 -5.55 -21.76 -0.95
N PRO A 12 -5.70 -20.46 -0.69
CA PRO A 12 -5.07 -19.85 0.46
C PRO A 12 -5.36 -20.59 1.73
N VAL A 13 -4.38 -20.69 2.61
CA VAL A 13 -4.47 -21.40 3.86
C VAL A 13 -4.70 -20.34 4.98
N ALA A 14 -5.77 -20.43 5.76
CA ALA A 14 -6.01 -19.48 6.83
C ALA A 14 -5.30 -19.93 8.13
N ALA A 15 -4.64 -19.02 8.85
CA ALA A 15 -4.19 -19.35 10.19
C ALA A 15 -5.34 -19.73 11.13
N ASP A 16 -4.97 -20.36 12.22
CA ASP A 16 -5.95 -20.84 13.18
C ASP A 16 -6.78 -19.70 13.72
N GLY A 17 -8.07 -19.84 13.66
CA GLY A 17 -8.92 -18.78 14.05
C GLY A 17 -9.41 -17.80 13.03
N TRP A 18 -9.01 -17.97 11.78
CA TRP A 18 -9.46 -17.12 10.65
C TRP A 18 -10.24 -17.89 9.66
N GLU A 19 -11.06 -17.22 8.88
CA GLU A 19 -11.76 -17.86 7.81
C GLU A 19 -11.93 -16.82 6.75
N TYR A 20 -12.17 -17.29 5.56
CA TYR A 20 -12.39 -16.44 4.45
C TYR A 20 -13.37 -17.04 3.47
N ARG A 21 -13.74 -16.24 2.48
CA ARG A 21 -14.54 -16.69 1.34
C ARG A 21 -14.33 -15.80 0.17
N LEU A 22 -14.25 -16.37 -1.04
CA LEU A 22 -14.20 -15.63 -2.29
C LEU A 22 -15.58 -15.16 -2.60
N ILE A 23 -15.73 -13.86 -2.92
CA ILE A 23 -17.06 -13.26 -3.07
C ILE A 23 -17.28 -12.55 -4.41
N SER A 24 -16.23 -12.24 -5.16
CA SER A 24 -16.41 -11.69 -6.47
C SER A 24 -15.28 -12.24 -7.32
N THR A 25 -15.60 -12.43 -8.59
CA THR A 25 -14.64 -12.98 -9.56
C THR A 25 -14.95 -12.30 -10.89
N GLY A 26 -14.01 -12.42 -11.83
CA GLY A 26 -14.17 -11.84 -13.15
C GLY A 26 -13.98 -10.35 -13.23
N LEU A 27 -13.48 -9.72 -12.18
CA LEU A 27 -12.97 -8.36 -12.31
C LEU A 27 -11.68 -8.36 -13.17
N THR A 28 -11.40 -7.29 -13.88
CA THR A 28 -10.19 -7.14 -14.69
C THR A 28 -8.81 -7.12 -13.94
N ALA A 29 -8.68 -6.22 -12.93
CA ALA A 29 -7.44 -5.99 -12.17
C ALA A 29 -7.75 -5.14 -10.92
N PRO A 30 -8.45 -5.73 -9.95
CA PRO A 30 -8.97 -4.87 -8.86
C PRO A 30 -7.83 -4.41 -7.97
N ARG A 31 -7.78 -3.09 -7.67
CA ARG A 31 -6.72 -2.45 -6.84
C ARG A 31 -7.32 -1.97 -5.52
N SER A 32 -7.40 -0.66 -5.28
CA SER A 32 -7.94 -0.18 -4.02
C SER A 32 -9.48 -0.48 -3.93
N ILE A 33 -9.97 -0.75 -2.72
CA ILE A 33 -11.42 -0.99 -2.49
C ILE A 33 -11.84 -0.16 -1.29
N VAL A 34 -13.08 0.36 -1.31
CA VAL A 34 -13.68 1.02 -0.13
C VAL A 34 -15.16 0.87 -0.14
N PHE A 35 -15.72 0.84 1.06
CA PHE A 35 -17.19 0.89 1.22
C PHE A 35 -17.78 2.26 1.03
N ASP A 36 -18.95 2.34 0.37
CA ASP A 36 -19.71 3.59 0.36
C ASP A 36 -20.68 3.59 1.54
N SER A 37 -21.45 4.67 1.70
CA SER A 37 -22.45 4.79 2.81
C SER A 37 -23.61 3.81 2.74
N THR A 38 -23.85 3.19 1.59
CA THR A 38 -25.06 2.36 1.36
C THR A 38 -24.74 0.90 1.35
N GLY A 39 -23.64 0.51 2.00
CA GLY A 39 -23.15 -0.87 1.97
C GLY A 39 -22.52 -1.43 0.68
N GLY A 40 -22.46 -0.63 -0.38
CA GLY A 40 -21.78 -1.04 -1.61
C GLY A 40 -20.25 -1.03 -1.46
N LEU A 41 -19.60 -1.91 -2.21
CA LEU A 41 -18.15 -1.95 -2.30
C LEU A 41 -17.67 -1.29 -3.57
N LEU A 42 -17.03 -0.15 -3.47
CA LEU A 42 -16.36 0.47 -4.62
C LEU A 42 -15.03 -0.21 -4.87
N VAL A 43 -14.77 -0.57 -6.13
CA VAL A 43 -13.58 -1.26 -6.56
C VAL A 43 -12.90 -0.43 -7.65
N LEU A 44 -11.63 -0.09 -7.40
CA LEU A 44 -10.85 0.53 -8.46
C LEU A 44 -10.41 -0.66 -9.36
N ASP A 45 -11.12 -0.89 -10.46
CA ASP A 45 -10.75 -1.96 -11.38
C ASP A 45 -9.80 -1.37 -12.42
N ALA A 46 -8.50 -1.60 -12.28
CA ALA A 46 -7.54 -0.86 -13.12
C ALA A 46 -7.81 -1.09 -14.63
N GLY A 47 -7.69 -0.02 -15.41
CA GLY A 47 -8.04 -0.06 -16.83
C GLY A 47 -9.53 -0.03 -17.14
N VAL A 48 -10.40 -0.04 -16.14
CA VAL A 48 -11.85 0.09 -16.38
C VAL A 48 -12.41 1.35 -15.69
N GLY A 49 -12.11 1.50 -14.39
CA GLY A 49 -12.48 2.68 -13.60
C GLY A 49 -13.01 2.22 -12.24
N VAL A 50 -14.06 2.86 -11.77
CA VAL A 50 -14.59 2.54 -10.47
C VAL A 50 -15.89 1.81 -10.63
N ARG A 51 -15.96 0.62 -10.03
CA ARG A 51 -17.12 -0.28 -10.10
C ARG A 51 -17.73 -0.44 -8.71
N ARG A 52 -19.04 -0.55 -8.64
CA ARG A 52 -19.69 -0.67 -7.37
C ARG A 52 -20.34 -2.03 -7.38
N LEU A 53 -19.98 -2.86 -6.39
CA LEU A 53 -20.62 -4.12 -6.18
C LEU A 53 -21.69 -4.01 -5.09
N THR A 54 -22.85 -4.54 -5.38
CA THR A 54 -23.93 -4.62 -4.43
C THR A 54 -23.82 -5.96 -3.84
N LEU A 55 -23.85 -6.02 -2.51
CA LEU A 55 -23.67 -7.24 -1.77
C LEU A 55 -24.91 -7.63 -0.97
N GLN A 56 -25.17 -8.93 -0.91
CA GLN A 56 -26.12 -9.43 0.03
C GLN A 56 -25.34 -9.98 1.22
N ASP A 57 -25.78 -9.67 2.43
CA ASP A 57 -25.03 -10.05 3.62
C ASP A 57 -25.80 -10.91 4.59
N ASN A 58 -25.48 -12.19 4.64
CA ASN A 58 -26.11 -13.11 5.59
C ASN A 58 -25.29 -13.37 6.84
N GLY A 59 -24.32 -12.51 7.15
CA GLY A 59 -23.51 -12.56 8.36
C GLY A 59 -22.19 -13.33 8.22
N GLY A 60 -21.19 -12.95 9.00
CA GLY A 60 -19.86 -13.64 8.93
C GLY A 60 -19.30 -13.55 7.51
N THR A 61 -18.79 -14.64 6.96
CA THR A 61 -18.28 -14.58 5.56
C THR A 61 -19.37 -14.82 4.50
N CYS A 62 -20.61 -15.01 4.93
CA CYS A 62 -21.70 -15.33 3.96
C CYS A 62 -22.17 -14.11 3.23
N LEU A 63 -21.41 -13.67 2.24
CA LEU A 63 -21.75 -12.48 1.44
C LEU A 63 -21.81 -12.90 0.02
N SER A 64 -22.64 -12.24 -0.80
CA SER A 64 -22.71 -12.54 -2.20
C SER A 64 -22.83 -11.28 -2.97
N VAL A 65 -22.12 -11.18 -4.09
CA VAL A 65 -22.33 -10.06 -4.98
C VAL A 65 -23.61 -10.39 -5.71
N THR A 66 -24.56 -9.45 -5.71
CA THR A 66 -25.82 -9.61 -6.45
C THR A 66 -25.88 -8.75 -7.67
N ALA A 67 -25.03 -7.73 -7.78
CA ALA A 67 -25.08 -6.82 -8.93
C ALA A 67 -23.82 -5.99 -8.96
N ASN A 68 -23.57 -5.40 -10.12
CA ASN A 68 -22.44 -4.53 -10.30
C ASN A 68 -22.67 -3.49 -11.38
N ALA A 69 -22.21 -2.28 -11.11
CA ALA A 69 -22.31 -1.21 -12.03
C ALA A 69 -20.97 -0.53 -12.06
N THR A 70 -20.67 0.04 -13.21
CA THR A 70 -19.55 0.89 -13.39
C THR A 70 -20.00 2.29 -13.09
N LEU A 71 -19.55 2.87 -11.98
CA LEU A 71 -19.89 4.25 -11.64
C LEU A 71 -19.10 5.24 -12.45
N ILE A 72 -17.81 4.95 -12.66
CA ILE A 72 -16.92 5.84 -13.42
C ILE A 72 -16.08 5.03 -14.39
N ALA A 73 -16.28 5.31 -15.67
CA ALA A 73 -15.61 4.60 -16.76
C ALA A 73 -14.42 5.44 -17.14
N ASP A 74 -13.22 5.01 -16.76
CA ASP A 74 -12.01 5.73 -17.19
C ASP A 74 -10.90 4.69 -17.09
N THR A 75 -10.31 4.37 -18.24
CA THR A 75 -9.25 3.37 -18.35
C THR A 75 -7.88 3.82 -17.86
N ALA A 76 -7.72 5.13 -17.68
CA ALA A 76 -6.50 5.68 -17.06
C ALA A 76 -6.40 5.46 -15.54
N LEU A 77 -7.51 5.11 -14.87
CA LEU A 77 -7.49 4.96 -13.40
C LEU A 77 -6.81 3.69 -13.16
N ASN A 78 -5.68 3.73 -12.46
CA ASN A 78 -4.88 2.56 -12.28
C ASN A 78 -4.65 2.04 -10.83
N HIS A 79 -5.15 2.71 -9.77
CA HIS A 79 -4.93 2.15 -8.41
C HIS A 79 -5.65 2.85 -7.28
N GLY A 80 -5.47 4.16 -7.20
CA GLY A 80 -5.85 4.92 -6.02
C GLY A 80 -7.33 5.23 -6.04
N LEU A 81 -7.93 5.12 -4.87
CA LEU A 81 -9.39 5.32 -4.68
C LEU A 81 -9.64 5.71 -3.21
N ALA A 82 -10.47 6.72 -2.99
CA ALA A 82 -10.87 7.11 -1.62
C ALA A 82 -12.27 7.69 -1.64
N ILE A 83 -12.95 7.62 -0.49
CA ILE A 83 -14.30 8.23 -0.39
C ILE A 83 -14.35 9.11 0.85
N SER A 84 -14.99 10.29 0.73
CA SER A 84 -15.20 11.21 1.87
C SER A 84 -16.03 10.58 2.96
N ALA A 85 -15.86 11.12 4.14
CA ALA A 85 -16.50 10.55 5.32
C ALA A 85 -18.03 10.67 5.26
N ASP A 86 -18.53 11.79 4.71
CA ASP A 86 -19.99 11.93 4.37
C ASP A 86 -20.45 11.13 3.18
N GLY A 87 -19.52 10.59 2.39
CA GLY A 87 -19.93 9.68 1.33
C GLY A 87 -20.29 10.38 0.03
N GLY A 88 -20.09 11.68 -0.06
CA GLY A 88 -20.59 12.42 -1.20
C GLY A 88 -19.57 12.74 -2.24
N THR A 89 -18.29 12.44 -1.97
CA THR A 89 -17.20 12.67 -2.94
C THR A 89 -16.30 11.44 -3.05
N ILE A 90 -16.00 11.06 -4.29
CA ILE A 90 -15.07 10.01 -4.60
C ILE A 90 -13.83 10.65 -5.19
N TYR A 91 -12.68 10.20 -4.71
CA TYR A 91 -11.40 10.59 -5.26
C TYR A 91 -10.77 9.37 -5.97
N ALA A 92 -10.32 9.55 -7.20
CA ALA A 92 -9.60 8.51 -7.91
C ALA A 92 -8.46 9.09 -8.74
N SER A 93 -7.37 8.32 -8.90
CA SER A 93 -6.15 8.81 -9.52
C SER A 93 -5.73 8.07 -10.78
N THR A 94 -5.12 8.84 -11.66
CA THR A 94 -4.37 8.34 -12.82
C THR A 94 -2.91 8.59 -12.51
N VAL A 95 -2.05 8.23 -13.47
CA VAL A 95 -0.62 8.53 -13.39
C VAL A 95 -0.33 10.01 -13.13
N ASN A 96 -1.14 10.90 -13.70
CA ASN A 96 -0.88 12.33 -13.61
C ASN A 96 -1.77 13.15 -12.63
N ASP A 97 -3.03 12.75 -12.45
CA ASP A 97 -4.03 13.56 -11.80
C ASP A 97 -4.83 12.79 -10.75
N VAL A 98 -5.21 13.50 -9.67
CA VAL A 98 -6.21 13.04 -8.70
C VAL A 98 -7.43 13.84 -8.96
N TYR A 99 -8.49 13.13 -9.30
CA TYR A 99 -9.77 13.65 -9.59
C TYR A 99 -10.67 13.51 -8.36
N ALA A 100 -11.55 14.49 -8.15
CA ALA A 100 -12.69 14.39 -7.25
C ALA A 100 -13.98 14.38 -8.10
N TYR A 101 -14.91 13.50 -7.75
CA TYR A 101 -16.20 13.37 -8.42
C TYR A 101 -17.30 13.50 -7.37
N THR A 102 -18.42 14.11 -7.74
CA THR A 102 -19.59 14.08 -6.85
C THR A 102 -20.19 12.71 -6.97
N TYR A 103 -20.54 12.13 -5.80
CA TYR A 103 -21.14 10.83 -5.76
C TYR A 103 -22.56 10.96 -5.19
N ASN A 104 -23.53 10.46 -5.94
CA ASN A 104 -24.93 10.50 -5.53
C ASN A 104 -25.37 9.17 -5.01
N GLU A 105 -25.42 9.14 -3.68
CA GLU A 105 -25.77 7.93 -2.91
C GLU A 105 -27.24 7.59 -2.97
N GLN A 106 -28.11 8.53 -3.40
CA GLN A 106 -29.55 8.23 -3.58
C GLN A 106 -29.68 7.38 -4.84
N THR A 107 -28.98 7.79 -5.88
CA THR A 107 -28.99 7.00 -7.14
C THR A 107 -27.90 5.93 -7.30
N ASN A 108 -26.79 6.15 -6.60
CA ASN A 108 -25.57 5.41 -6.74
C ASN A 108 -25.03 5.70 -8.14
N THR A 109 -24.82 6.98 -8.43
CA THR A 109 -24.38 7.39 -9.75
C THR A 109 -23.42 8.49 -9.57
N VAL A 110 -22.57 8.68 -10.57
CA VAL A 110 -21.68 9.82 -10.60
C VAL A 110 -21.92 10.48 -11.96
N ASP A 111 -22.23 11.76 -11.93
CA ASP A 111 -22.27 12.54 -13.13
C ASP A 111 -20.83 12.89 -13.59
N PRO A 112 -20.39 12.37 -14.75
CA PRO A 112 -19.04 12.74 -15.22
C PRO A 112 -18.75 14.22 -15.29
N THR A 113 -19.76 15.05 -15.50
CA THR A 113 -19.52 16.51 -15.58
C THR A 113 -19.10 17.12 -14.26
N THR A 114 -19.43 16.46 -13.14
CA THR A 114 -18.99 16.94 -11.80
C THR A 114 -17.45 16.85 -11.55
N ARG A 115 -16.71 16.19 -12.43
CA ARG A 115 -15.28 15.99 -12.22
C ARG A 115 -14.46 17.27 -12.11
N ARG A 116 -13.60 17.28 -11.10
CA ARG A 116 -12.67 18.38 -10.87
C ARG A 116 -11.37 17.70 -10.65
N THR A 117 -10.29 18.39 -10.95
CA THR A 117 -8.96 17.86 -10.79
C THR A 117 -8.41 18.54 -9.56
N VAL A 118 -8.08 17.75 -8.52
CA VAL A 118 -7.60 18.30 -7.23
C VAL A 118 -6.12 18.33 -7.10
N VAL A 119 -5.43 17.39 -7.73
CA VAL A 119 -3.94 17.35 -7.75
C VAL A 119 -3.48 17.04 -9.16
N THR A 120 -2.32 17.57 -9.58
CA THR A 120 -1.86 17.35 -10.94
C THR A 120 -0.35 17.32 -11.00
N ASN A 121 0.17 17.14 -12.23
CA ASN A 121 1.62 17.13 -12.50
C ASN A 121 2.38 16.00 -11.82
N MET A 122 1.77 14.82 -11.84
CA MET A 122 2.31 13.65 -11.17
C MET A 122 2.94 12.65 -12.13
N THR A 123 2.84 12.86 -13.46
CA THR A 123 3.25 11.83 -14.42
C THR A 123 4.74 11.48 -14.36
N ASN A 124 5.06 10.20 -14.50
CA ASN A 124 6.41 9.73 -14.75
C ASN A 124 6.30 8.28 -15.16
N THR A 125 7.41 7.73 -15.62
CA THR A 125 7.49 6.37 -16.12
C THR A 125 7.66 5.36 -14.95
N ASP A 126 7.53 4.07 -15.29
CA ASP A 126 7.76 2.93 -14.42
C ASP A 126 6.74 2.79 -13.25
N HIS A 127 6.85 3.57 -12.17
CA HIS A 127 5.91 3.46 -11.02
C HIS A 127 4.86 4.50 -11.21
N VAL A 128 3.71 3.99 -11.64
CA VAL A 128 2.66 4.84 -12.19
C VAL A 128 1.41 4.90 -11.29
N THR A 129 1.43 4.15 -10.19
CA THR A 129 0.29 4.20 -9.23
C THR A 129 0.40 5.40 -8.28
N ARG A 130 -0.76 5.93 -7.92
CA ARG A 130 -0.83 7.06 -7.03
C ARG A 130 -1.80 6.74 -5.91
N THR A 131 -1.30 6.12 -4.86
CA THR A 131 -2.14 5.73 -3.78
C THR A 131 -2.86 6.97 -3.13
N LEU A 132 -4.14 6.83 -2.86
CA LEU A 132 -4.91 7.87 -2.16
C LEU A 132 -5.32 7.40 -0.79
N LEU A 133 -5.18 8.28 0.19
CA LEU A 133 -5.67 8.05 1.54
C LEU A 133 -6.28 9.33 2.10
N LEU A 134 -7.55 9.28 2.55
CA LEU A 134 -8.12 10.36 3.35
C LEU A 134 -7.95 10.13 4.84
N SER A 135 -7.40 11.09 5.59
CA SER A 135 -7.26 10.89 7.06
C SER A 135 -8.62 10.65 7.72
N SER A 136 -8.68 9.84 8.77
CA SER A 136 -9.86 9.86 9.63
C SER A 136 -9.80 10.97 10.69
N ARG A 137 -8.62 11.16 11.28
CA ARG A 137 -8.44 12.12 12.36
C ARG A 137 -8.57 13.56 11.85
N LEU A 138 -8.10 13.83 10.63
CA LEU A 138 -8.21 15.10 9.95
C LEU A 138 -8.87 14.96 8.62
N PRO A 139 -10.20 14.83 8.59
CA PRO A 139 -10.88 14.37 7.36
C PRO A 139 -10.75 15.23 6.11
N ASN A 140 -10.30 16.49 6.22
CA ASN A 140 -9.96 17.32 5.05
C ASN A 140 -8.58 17.02 4.45
N GLU A 141 -7.77 16.18 5.08
CA GLU A 141 -6.39 15.88 4.57
C GLU A 141 -6.34 14.65 3.64
N LEU A 142 -5.99 14.90 2.39
CA LEU A 142 -5.79 13.85 1.40
C LEU A 142 -4.29 13.59 1.19
N LEU A 143 -3.87 12.35 1.48
CA LEU A 143 -2.50 11.89 1.20
C LEU A 143 -2.43 11.16 -0.17
N VAL A 144 -1.31 11.39 -0.86
CA VAL A 144 -1.03 10.85 -2.18
C VAL A 144 0.39 10.33 -2.26
N SER A 145 0.56 9.10 -2.74
CA SER A 145 1.87 8.48 -2.87
C SER A 145 2.25 8.36 -4.33
N ARG A 146 3.56 8.44 -4.60
CA ARG A 146 4.08 8.48 -5.97
C ARG A 146 5.52 7.89 -5.97
N GLY A 147 5.71 6.86 -6.82
CA GLY A 147 6.95 6.10 -6.85
C GLY A 147 8.00 6.72 -7.80
N SER A 148 9.08 5.94 -8.01
CA SER A 148 10.22 6.26 -8.94
C SER A 148 9.91 6.17 -10.38
N ALA A 149 10.76 6.79 -11.20
CA ALA A 149 10.65 6.69 -12.68
C ALA A 149 11.52 5.56 -13.27
N ALA A 150 12.30 4.89 -12.43
CA ALA A 150 13.20 3.84 -12.82
C ALA A 150 13.58 3.16 -11.51
N ASN A 151 14.10 1.93 -11.59
CA ASN A 151 14.51 1.13 -10.42
C ASN A 151 15.39 1.94 -9.45
N GLU A 152 16.33 2.70 -10.01
CA GLU A 152 17.21 3.66 -9.28
C GLU A 152 17.10 4.97 -10.03
N ASP A 153 16.29 5.88 -9.52
CA ASP A 153 15.90 7.09 -10.22
C ASP A 153 16.73 8.25 -9.64
N PRO A 154 17.52 8.97 -10.48
CA PRO A 154 18.33 10.08 -9.93
C PRO A 154 17.52 11.28 -9.50
N GLN A 155 16.45 11.61 -10.23
CA GLN A 155 15.48 12.59 -9.84
C GLN A 155 14.86 12.39 -8.42
N ALA A 156 14.83 11.18 -7.87
CA ALA A 156 14.46 11.00 -6.45
C ALA A 156 15.41 11.71 -5.45
N ARG A 157 16.60 12.13 -5.91
CA ARG A 157 17.52 12.94 -5.08
C ARG A 157 17.15 14.45 -4.93
N ASN A 158 16.38 14.94 -5.89
CA ASN A 158 15.80 16.23 -5.95
C ASN A 158 14.31 16.23 -5.49
N VAL A 159 14.07 16.73 -4.29
CA VAL A 159 12.73 16.82 -3.74
C VAL A 159 11.73 17.56 -4.61
N THR A 160 12.18 18.51 -5.41
CA THR A 160 11.25 19.30 -6.26
C THR A 160 10.74 18.54 -7.44
N SER A 161 11.47 17.52 -7.87
CA SER A 161 10.95 16.61 -8.93
C SER A 161 9.63 15.94 -8.52
N GLY A 162 9.45 15.71 -7.21
CA GLY A 162 8.23 15.12 -6.72
C GLY A 162 8.17 13.60 -6.83
N HIS A 163 9.29 12.99 -7.21
CA HIS A 163 9.41 11.56 -7.40
C HIS A 163 9.66 11.00 -6.03
N SER A 164 9.17 9.78 -5.85
CA SER A 164 9.48 8.93 -4.70
C SER A 164 9.12 9.59 -3.41
N GLN A 165 7.87 10.01 -3.33
CA GLN A 165 7.42 10.71 -2.13
C GLN A 165 5.91 10.64 -1.84
N ILE A 166 5.57 10.98 -0.60
CA ILE A 166 4.20 11.12 -0.18
C ILE A 166 3.91 12.59 0.22
N ARG A 167 2.85 13.16 -0.36
CA ARG A 167 2.38 14.52 -0.14
C ARG A 167 0.97 14.55 0.54
N ALA A 168 0.70 15.60 1.33
CA ALA A 168 -0.64 15.86 1.95
C ALA A 168 -1.19 17.18 1.53
N TYR A 169 -2.48 17.17 1.24
CA TYR A 169 -3.21 18.27 0.70
C TYR A 169 -4.46 18.54 1.54
N ASP A 170 -4.66 19.83 1.89
CA ASP A 170 -5.87 20.27 2.54
C ASP A 170 -6.91 20.56 1.48
N ILE A 171 -7.78 19.59 1.24
CA ILE A 171 -8.77 19.70 0.18
C ILE A 171 -9.88 20.71 0.53
N SER A 172 -10.13 20.98 1.81
CA SER A 172 -11.19 21.93 2.19
C SER A 172 -10.90 23.31 1.62
N THR A 173 -9.60 23.63 1.51
CA THR A 173 -9.18 24.93 0.98
C THR A 173 -9.33 25.10 -0.54
N LEU A 174 -9.73 24.07 -1.27
CA LEU A 174 -9.75 24.21 -2.72
C LEU A 174 -11.07 24.80 -3.21
N PRO A 179 -8.68 24.75 -10.15
CA PRO A 179 -7.27 25.08 -10.09
C PRO A 179 -6.58 24.08 -9.13
N PRO A 180 -6.11 22.92 -9.66
CA PRO A 180 -5.54 21.91 -8.75
C PRO A 180 -4.26 22.32 -8.09
N PHE A 181 -3.99 21.77 -6.90
CA PHE A 181 -2.66 21.78 -6.32
C PHE A 181 -1.70 21.19 -7.34
N ASP A 182 -0.52 21.76 -7.35
CA ASP A 182 0.65 21.14 -7.94
C ASP A 182 1.15 20.10 -6.96
N PHE A 183 1.63 18.96 -7.47
CA PHE A 183 1.97 17.81 -6.60
C PHE A 183 2.89 18.23 -5.48
N VAL A 184 3.91 19.00 -5.84
CA VAL A 184 4.95 19.41 -4.88
C VAL A 184 4.53 20.65 -4.02
N ALA A 185 3.31 21.17 -4.21
CA ALA A 185 2.71 22.16 -3.30
C ALA A 185 2.21 21.57 -1.98
N GLY A 186 2.08 20.24 -1.87
CA GLY A 186 1.48 19.60 -0.69
C GLY A 186 2.48 19.52 0.40
N THR A 187 2.02 19.30 1.63
CA THR A 187 2.93 19.10 2.70
C THR A 187 3.66 17.82 2.44
N LEU A 188 4.97 17.86 2.68
CA LEU A 188 5.81 16.72 2.52
C LEU A 188 5.75 15.78 3.73
N ILE A 189 5.21 14.59 3.50
CA ILE A 189 5.16 13.54 4.50
C ILE A 189 6.42 12.71 4.52
N GLY A 190 7.02 12.50 3.34
CA GLY A 190 8.24 11.74 3.24
C GLY A 190 8.77 11.76 1.82
N TRP A 191 10.08 11.73 1.66
CA TRP A 191 10.68 11.47 0.35
C TRP A 191 11.79 10.43 0.49
N GLY A 192 12.45 10.08 -0.64
CA GLY A 192 13.31 8.90 -0.64
C GLY A 192 12.52 7.61 -0.34
N LEU A 193 11.32 7.55 -0.89
CA LEU A 193 10.43 6.40 -0.74
C LEU A 193 10.26 5.86 -2.12
N ARG A 194 10.99 4.81 -2.48
CA ARG A 194 11.03 4.35 -3.90
C ARG A 194 9.66 4.14 -4.55
N ASP A 195 8.81 3.36 -3.83
CA ASP A 195 7.41 3.06 -4.20
C ASP A 195 6.60 2.57 -2.98
N SER A 196 6.15 3.54 -2.17
CA SER A 196 5.43 3.26 -0.97
C SER A 196 3.95 3.22 -1.35
N VAL A 197 3.51 2.04 -1.82
CA VAL A 197 2.21 1.96 -2.35
C VAL A 197 1.18 1.97 -1.23
N GLY A 198 1.43 1.28 -0.15
CA GLY A 198 0.54 1.23 1.02
C GLY A 198 0.83 2.37 1.97
N VAL A 199 -0.22 3.15 2.28
CA VAL A 199 -0.14 4.20 3.28
C VAL A 199 -1.39 4.11 4.14
N GLY A 200 -1.24 4.14 5.46
CA GLY A 200 -2.41 4.01 6.40
C GLY A 200 -2.23 4.85 7.65
N GLU A 201 -3.35 5.06 8.33
CA GLU A 201 -3.41 5.83 9.60
C GLU A 201 -3.76 4.95 10.79
N ASN A 202 -2.94 4.97 11.82
CA ASN A 202 -3.25 4.25 13.02
C ASN A 202 -4.23 5.04 13.87
N PRO A 203 -5.42 4.47 14.12
CA PRO A 203 -6.32 5.20 15.04
C PRO A 203 -5.84 5.48 16.46
N THR A 204 -4.90 4.72 17.00
CA THR A 204 -4.44 4.99 18.34
C THR A 204 -3.98 6.46 18.50
N ASN A 205 -3.32 7.01 17.49
CA ASN A 205 -2.82 8.33 17.64
C ASN A 205 -2.82 9.17 16.44
N GLY A 206 -3.22 8.60 15.31
CA GLY A 206 -3.25 9.32 14.04
C GLY A 206 -1.88 9.20 13.35
N GLY A 207 -0.99 8.38 13.91
CA GLY A 207 0.32 8.05 13.27
C GLY A 207 0.20 7.61 11.81
N ILE A 208 1.08 8.13 10.97
CA ILE A 208 1.01 7.88 9.55
C ILE A 208 2.13 6.85 9.19
N TRP A 209 1.74 5.82 8.42
CA TRP A 209 2.57 4.66 8.15
C TRP A 209 2.52 4.31 6.72
N SER A 210 3.66 3.89 6.17
CA SER A 210 3.74 3.45 4.78
C SER A 210 4.60 2.17 4.66
N VAL A 211 4.50 1.50 3.52
CA VAL A 211 5.19 0.20 3.32
C VAL A 211 5.85 0.32 1.99
N GLU A 212 7.11 -0.12 1.93
CA GLU A 212 7.95 0.24 0.81
C GLU A 212 8.23 -0.99 -0.09
N ASN A 213 8.19 -0.75 -1.40
CA ASN A 213 8.73 -1.68 -2.39
C ASN A 213 10.15 -1.21 -2.72
N SER A 214 11.12 -1.82 -2.05
CA SER A 214 12.50 -1.38 -2.12
C SER A 214 13.21 -1.85 -3.41
N VAL A 215 14.53 -1.63 -3.51
CA VAL A 215 15.20 -1.63 -4.83
C VAL A 215 15.41 -3.07 -5.28
N ASP A 216 15.35 -3.28 -6.59
CA ASP A 216 15.77 -4.58 -7.21
C ASP A 216 17.25 -4.54 -7.59
N ASP A 217 17.81 -5.73 -7.88
CA ASP A 217 19.20 -5.91 -8.35
C ASP A 217 20.23 -5.36 -7.38
N LEU A 218 19.97 -5.54 -6.09
CA LEU A 218 20.81 -4.96 -5.11
C LEU A 218 22.24 -5.59 -5.17
N THR A 219 23.23 -4.75 -5.50
CA THR A 219 24.66 -5.08 -5.41
C THR A 219 25.23 -4.50 -4.13
N ARG A 220 26.11 -5.22 -3.45
CA ARG A 220 26.81 -4.72 -2.26
C ARG A 220 28.32 -5.00 -2.36
N GLU A 221 29.08 -3.92 -2.47
CA GLU A 221 30.49 -3.98 -2.85
C GLU A 221 30.65 -4.77 -4.13
N GLY A 222 29.79 -4.48 -5.12
CA GLY A 222 29.71 -5.24 -6.37
C GLY A 222 29.17 -6.70 -6.32
N VAL A 223 29.11 -7.33 -5.15
CA VAL A 223 28.50 -8.64 -5.03
C VAL A 223 26.96 -8.54 -5.26
N ASP A 224 26.36 -9.53 -5.92
CA ASP A 224 24.91 -9.64 -5.99
C ASP A 224 24.37 -10.19 -4.65
N VAL A 225 23.57 -9.39 -3.93
CA VAL A 225 22.87 -9.85 -2.73
C VAL A 225 21.33 -9.69 -2.85
N HIS A 226 20.86 -9.56 -4.09
CA HIS A 226 19.46 -9.32 -4.39
C HIS A 226 18.48 -10.41 -3.92
N GLN A 227 18.97 -11.59 -3.54
CA GLN A 227 18.07 -12.67 -3.20
C GLN A 227 17.41 -12.46 -1.86
N ASP A 228 18.18 -12.02 -0.89
CA ASP A 228 17.65 -11.70 0.41
C ASP A 228 17.82 -10.25 0.91
N ASN A 229 18.06 -9.32 0.01
CA ASN A 229 18.21 -7.92 0.37
C ASN A 229 17.82 -7.02 -0.81
N PRO A 230 17.43 -5.76 -0.56
CA PRO A 230 17.23 -5.21 0.79
C PRO A 230 15.88 -5.61 1.39
N GLY A 231 15.65 -5.25 2.64
CA GLY A 231 14.36 -5.39 3.27
C GLY A 231 13.25 -4.62 2.58
N GLU A 232 12.03 -5.15 2.70
CA GLU A 232 10.88 -4.27 2.47
C GLU A 232 10.75 -3.58 3.85
N GLU A 233 10.08 -2.43 3.89
CA GLU A 233 10.07 -1.53 5.07
C GLU A 233 8.66 -1.13 5.47
N LEU A 234 8.46 -1.07 6.77
CA LEU A 234 7.40 -0.28 7.43
C LEU A 234 8.05 1.07 7.93
N ASN A 235 7.64 2.19 7.35
CA ASN A 235 8.16 3.51 7.67
C ASN A 235 7.14 4.34 8.43
N PHE A 236 7.60 5.14 9.40
CA PHE A 236 6.74 6.02 10.24
C PHE A 236 6.93 7.47 9.82
N HIS A 237 5.84 8.18 9.57
CA HIS A 237 5.90 9.58 9.19
C HIS A 237 5.24 10.62 10.17
N GLY A 238 5.21 10.35 11.47
CA GLY A 238 4.58 11.25 12.44
C GLY A 238 3.07 11.31 12.31
N ILE A 239 2.46 12.38 12.86
CA ILE A 239 1.00 12.57 12.78
C ILE A 239 0.72 13.72 11.87
N LEU A 240 -0.39 13.67 11.17
CA LEU A 240 -0.75 14.78 10.34
C LEU A 240 -1.03 15.99 11.17
N GLY A 241 -0.58 17.13 10.66
CA GLY A 241 -0.68 18.41 11.40
C GLY A 241 0.30 18.61 12.56
N ASN A 242 1.51 18.12 12.31
CA ASN A 242 2.64 18.32 13.15
C ASN A 242 3.80 17.82 12.33
N THR A 243 4.96 18.36 12.61
CA THR A 243 6.15 18.13 11.83
C THR A 243 7.05 17.12 12.49
N ALA A 244 6.85 16.75 13.74
CA ALA A 244 7.72 15.73 14.35
C ALA A 244 7.71 14.39 13.55
N ASN A 245 8.89 13.82 13.33
CA ASN A 245 9.10 12.56 12.58
C ASN A 245 8.52 12.56 11.18
N GLN A 246 8.38 13.72 10.57
CA GLN A 246 7.67 13.82 9.29
C GLN A 246 8.47 14.65 8.28
N GLY A 247 8.33 14.34 7.03
CA GLY A 247 8.93 15.06 5.93
C GLY A 247 10.40 14.75 5.66
N GLY A 248 11.03 13.88 6.43
CA GLY A 248 12.38 13.43 6.16
C GLY A 248 12.54 12.54 4.92
N ASN A 249 13.76 12.11 4.70
CA ASN A 249 14.16 11.40 3.50
C ASN A 249 14.47 9.99 3.93
N TYR A 250 13.72 9.04 3.39
CA TYR A 250 13.84 7.67 3.90
C TYR A 250 14.94 6.78 3.20
N GLY A 251 15.86 7.40 2.43
CA GLY A 251 17.04 6.67 1.90
C GLY A 251 17.21 6.61 0.41
N TYR A 252 16.13 6.42 -0.31
CA TYR A 252 16.22 6.06 -1.70
C TYR A 252 16.55 7.27 -2.57
N PRO A 253 17.50 7.20 -3.53
CA PRO A 253 18.24 6.00 -3.95
C PRO A 253 19.61 5.78 -3.32
N ASP A 254 19.92 6.43 -2.23
CA ASP A 254 21.24 6.37 -1.69
C ASP A 254 21.44 5.31 -0.63
N CYS A 255 20.36 4.94 0.10
CA CYS A 255 20.44 4.11 1.31
C CYS A 255 19.28 3.05 1.25
N TYR A 256 19.57 1.86 1.77
CA TYR A 256 18.65 0.69 1.72
C TYR A 256 18.71 0.00 3.03
N ALA A 257 17.64 -0.68 3.40
CA ALA A 257 17.61 -1.34 4.74
C ALA A 257 18.03 -2.78 4.66
N LEU A 258 18.57 -3.26 5.77
CA LEU A 258 19.19 -4.54 5.80
C LEU A 258 18.15 -5.52 6.32
N TRP A 259 17.93 -6.59 5.57
CA TRP A 259 17.12 -7.77 6.01
C TRP A 259 17.96 -8.98 6.53
N SER A 260 18.88 -9.44 5.69
CA SER A 260 19.69 -10.64 5.94
C SER A 260 21.21 -10.31 5.96
N THR A 261 21.79 -10.53 7.15
CA THR A 261 23.21 -10.30 7.51
C THR A 261 24.16 -11.33 6.90
N ALA A 262 23.73 -12.59 6.89
CA ALA A 262 24.54 -13.72 6.39
C ALA A 262 25.05 -13.49 4.96
N GLY A 263 26.37 -13.60 4.79
CA GLY A 263 27.01 -13.34 3.50
C GLY A 263 26.85 -11.92 3.00
N PHE A 264 26.77 -10.94 3.91
CA PHE A 264 26.62 -9.54 3.50
C PHE A 264 27.98 -8.84 3.61
N PRO A 265 28.56 -8.42 2.46
CA PRO A 265 29.91 -7.84 2.52
C PRO A 265 29.94 -6.48 3.22
N ASP A 266 30.86 -6.33 4.17
CA ASP A 266 31.10 -5.07 4.86
C ASP A 266 29.96 -4.78 5.84
N LEU A 267 29.61 -5.81 6.60
CA LEU A 267 28.57 -5.68 7.58
C LEU A 267 28.91 -4.60 8.61
N GLY A 268 30.12 -4.63 9.15
CA GLY A 268 30.49 -3.77 10.26
C GLY A 268 29.59 -4.05 11.45
N ALA A 269 29.15 -2.97 12.11
CA ALA A 269 28.20 -3.04 13.22
C ALA A 269 26.72 -2.98 12.78
N LEU A 270 26.47 -3.10 11.47
CA LEU A 270 25.12 -3.04 10.89
C LEU A 270 24.24 -4.19 11.43
N GLU A 271 23.05 -3.82 11.88
CA GLU A 271 22.02 -4.77 12.30
C GLU A 271 20.78 -4.81 11.32
N VAL A 272 19.94 -5.82 11.50
CA VAL A 272 18.68 -5.92 10.76
C VAL A 272 17.91 -4.65 11.04
N GLY A 273 17.43 -4.00 9.98
CA GLY A 273 16.66 -2.76 10.12
C GLY A 273 17.44 -1.51 9.81
N ASP A 274 18.76 -1.55 9.94
CA ASP A 274 19.62 -0.38 9.70
C ASP A 274 19.83 -0.23 8.23
N GLN A 275 19.95 1.03 7.78
CA GLN A 275 20.22 1.34 6.40
C GLN A 275 21.75 1.41 6.11
N PHE A 276 22.11 1.27 4.84
CA PHE A 276 23.50 1.23 4.39
C PHE A 276 23.59 1.90 3.02
N ALA A 277 24.80 2.35 2.66
CA ALA A 277 25.01 3.00 1.36
C ALA A 277 24.85 2.04 0.20
N SER A 278 24.07 2.46 -0.76
CA SER A 278 24.00 1.78 -2.01
C SER A 278 25.36 1.89 -2.71
N ASP A 279 25.80 0.83 -3.36
CA ASP A 279 26.97 0.92 -4.25
C ASP A 279 26.86 2.01 -5.26
N ASN A 280 25.63 2.35 -5.67
CA ASN A 280 25.45 3.44 -6.60
C ASN A 280 25.06 4.75 -5.93
N ALA A 281 25.30 4.89 -4.62
CA ALA A 281 25.02 6.19 -3.94
C ALA A 281 25.83 7.31 -4.59
N THR A 282 25.28 8.51 -4.52
CA THR A 282 25.93 9.68 -5.09
C THR A 282 27.33 9.86 -4.44
N ALA A 283 28.22 10.49 -5.21
CA ALA A 283 29.65 10.60 -4.85
C ALA A 283 29.79 11.20 -3.47
N GLY A 284 30.35 10.45 -2.54
CA GLY A 284 30.54 10.95 -1.19
C GLY A 284 29.78 10.22 -0.14
N VAL A 285 28.62 9.69 -0.51
CA VAL A 285 27.74 9.08 0.49
C VAL A 285 28.40 7.82 1.02
N THR A 286 28.40 7.64 2.33
CA THR A 286 28.87 6.42 2.97
C THR A 286 27.80 5.87 3.91
N ASP A 287 28.14 4.80 4.64
CA ASP A 287 27.28 4.14 5.59
C ASP A 287 26.93 5.02 6.77
N ALA A 288 27.95 5.69 7.30
CA ALA A 288 27.72 6.69 8.34
C ALA A 288 26.73 7.76 7.87
N THR A 289 26.87 8.21 6.63
CA THR A 289 25.93 9.16 6.03
C THR A 289 24.49 8.62 6.06
N CYS A 290 24.32 7.34 5.71
CA CYS A 290 23.01 6.69 5.76
C CYS A 290 22.49 6.68 7.15
N ASN A 291 23.38 6.40 8.10
CA ASN A 291 23.02 6.39 9.49
C ASN A 291 22.59 7.75 10.09
N THR A 292 23.13 8.86 9.59
CA THR A 292 22.91 10.17 10.23
C THR A 292 21.98 11.16 9.49
N ASN A 293 21.94 11.11 8.16
CA ASN A 293 21.11 12.04 7.35
C ASN A 293 19.77 11.49 6.79
N PHE A 294 19.48 10.19 7.01
CA PHE A 294 18.32 9.48 6.36
C PHE A 294 17.50 8.73 7.37
N VAL A 295 16.20 8.59 7.08
CA VAL A 295 15.33 8.08 8.15
C VAL A 295 15.26 6.56 7.98
N ASP A 296 15.60 5.83 9.04
CA ASP A 296 15.54 4.38 9.06
C ASP A 296 14.10 3.86 9.10
N PRO A 297 13.84 2.64 8.57
CA PRO A 297 12.53 1.98 8.81
C PRO A 297 12.32 1.59 10.22
N ARG A 298 11.07 1.53 10.66
CA ARG A 298 10.74 1.04 12.02
C ARG A 298 10.67 -0.48 12.11
N LEU A 299 10.33 -1.13 11.00
CA LEU A 299 10.46 -2.64 10.88
C LEU A 299 10.87 -2.96 9.51
N VAL A 300 11.51 -4.10 9.35
CA VAL A 300 11.72 -4.59 7.98
C VAL A 300 10.97 -5.92 7.79
N PHE A 301 10.71 -6.22 6.52
CA PHE A 301 10.14 -7.49 6.12
C PHE A 301 11.04 -8.15 5.07
N GLN A 302 10.88 -9.48 4.98
CA GLN A 302 11.52 -10.32 3.94
C GLN A 302 11.68 -9.62 2.61
N ALA A 303 12.89 -9.62 2.07
CA ALA A 303 13.13 -9.03 0.76
C ALA A 303 12.18 -9.45 -0.36
N HIS A 304 11.75 -8.47 -1.17
CA HIS A 304 10.79 -8.66 -2.32
C HIS A 304 9.30 -9.17 -2.07
N VAL A 305 8.85 -9.39 -0.86
CA VAL A 305 7.40 -9.67 -0.61
C VAL A 305 6.37 -8.66 -1.24
N SER A 306 6.82 -7.46 -1.58
CA SER A 306 6.12 -6.42 -2.32
C SER A 306 4.80 -5.93 -1.62
N PRO A 307 4.91 -5.23 -0.47
CA PRO A 307 3.69 -4.77 0.24
C PRO A 307 2.95 -3.73 -0.55
N LEU A 308 1.62 -3.80 -0.57
CA LEU A 308 0.84 -2.84 -1.32
C LEU A 308 -0.20 -2.08 -0.49
N ASP A 309 -0.53 -2.50 0.71
CA ASP A 309 -1.52 -1.76 1.47
C ASP A 309 -1.34 -2.09 2.88
N ILE A 310 -1.71 -1.13 3.76
CA ILE A 310 -1.65 -1.36 5.20
C ILE A 310 -2.90 -0.74 5.80
N LYS A 311 -3.58 -1.49 6.68
CA LYS A 311 -4.84 -1.02 7.26
C LYS A 311 -4.84 -1.50 8.68
N PHE A 312 -5.24 -0.62 9.59
CA PHE A 312 -5.27 -0.96 11.03
C PHE A 312 -6.69 -1.26 11.44
N ASN A 313 -6.84 -2.03 12.52
CA ASN A 313 -8.18 -2.33 13.04
C ASN A 313 -8.65 -1.12 13.87
N THR A 314 -9.94 -1.09 14.20
CA THR A 314 -10.54 0.03 14.94
C THR A 314 -9.77 0.41 16.22
N ASN A 315 -9.33 -0.59 16.98
CA ASN A 315 -8.59 -0.42 18.24
C ASN A 315 -7.11 -0.02 18.05
N GLY A 316 -6.57 -0.10 16.84
CA GLY A 316 -5.13 0.13 16.63
C GLY A 316 -4.14 -0.91 17.14
N THR A 317 -4.60 -2.05 17.68
CA THR A 317 -3.73 -3.13 18.13
C THR A 317 -3.00 -3.87 16.99
N THR A 318 -3.52 -3.82 15.77
CA THR A 318 -3.04 -4.65 14.65
C THR A 318 -3.14 -3.96 13.37
N ALA A 319 -2.05 -4.00 12.60
CA ALA A 319 -2.12 -3.64 11.20
C ALA A 319 -2.09 -4.90 10.33
N TYR A 320 -2.75 -4.85 9.18
CA TYR A 320 -2.84 -5.95 8.21
C TYR A 320 -2.18 -5.41 7.00
N ILE A 321 -1.31 -6.20 6.39
CA ILE A 321 -0.57 -5.78 5.19
C ILE A 321 -0.73 -6.90 4.13
N THR A 322 -0.90 -6.46 2.90
CA THR A 322 -0.88 -7.29 1.76
C THR A 322 0.54 -7.42 1.22
N PHE A 323 0.95 -8.65 0.91
CA PHE A 323 2.28 -8.97 0.33
C PHE A 323 1.99 -9.53 -1.01
N HIS A 324 2.19 -8.74 -2.04
CA HIS A 324 1.70 -9.09 -3.36
C HIS A 324 2.57 -10.14 -4.05
N GLY A 325 3.78 -10.33 -3.57
CA GLY A 325 4.61 -11.41 -3.99
C GLY A 325 5.79 -10.98 -4.82
N SER A 326 6.90 -11.72 -4.66
CA SER A 326 8.17 -11.48 -5.39
C SER A 326 8.02 -11.89 -6.81
N THR A 327 8.73 -11.20 -7.71
CA THR A 327 8.73 -11.62 -9.12
C THR A 327 10.14 -12.02 -9.55
N ASP A 328 11.18 -11.62 -8.81
CA ASP A 328 12.58 -11.85 -9.22
C ASP A 328 13.39 -12.79 -8.30
N ARG A 329 12.76 -13.55 -7.42
CA ARG A 329 13.54 -14.44 -6.50
C ARG A 329 13.41 -15.90 -6.96
N THR A 330 14.47 -16.70 -6.80
CA THR A 330 14.45 -18.10 -7.29
C THR A 330 13.29 -18.87 -6.65
N THR A 331 13.16 -18.78 -5.33
CA THR A 331 12.02 -19.39 -4.61
C THR A 331 11.15 -18.20 -4.27
N PRO A 332 9.90 -18.07 -4.76
CA PRO A 332 9.17 -16.83 -4.51
C PRO A 332 8.75 -16.64 -3.04
N VAL A 333 8.52 -15.36 -2.70
CA VAL A 333 8.08 -14.96 -1.35
C VAL A 333 6.89 -13.99 -1.47
N GLY A 334 6.14 -13.93 -0.39
CA GLY A 334 4.95 -13.08 -0.31
C GLY A 334 3.69 -13.87 -0.57
N TYR A 335 2.87 -13.37 -1.49
CA TYR A 335 1.60 -14.05 -1.85
C TYR A 335 0.82 -14.40 -0.57
N SER A 336 0.58 -13.37 0.27
CA SER A 336 -0.01 -13.51 1.59
C SER A 336 -0.69 -12.22 2.17
N ILE A 337 -1.38 -12.43 3.27
CA ILE A 337 -1.82 -11.41 4.13
C ILE A 337 -1.19 -11.67 5.43
N VAL A 338 -0.61 -10.57 5.98
CA VAL A 338 0.08 -10.63 7.28
C VAL A 338 -0.42 -9.54 8.22
N SER A 339 -0.21 -9.71 9.51
CA SER A 339 -0.53 -8.71 10.52
C SER A 339 0.68 -8.38 11.34
N VAL A 340 0.68 -7.19 11.97
CA VAL A 340 1.83 -6.71 12.72
C VAL A 340 1.22 -6.17 13.98
N ALA A 341 1.72 -6.58 15.13
CA ALA A 341 1.19 -6.15 16.42
C ALA A 341 1.70 -4.74 16.79
N PHE A 342 0.77 -3.87 17.24
CA PHE A 342 1.07 -2.46 17.65
C PHE A 342 0.70 -2.23 19.09
N GLY A 343 1.46 -1.33 19.74
CA GLY A 343 1.24 -1.06 21.17
C GLY A 343 0.43 0.18 21.43
N LEU A 344 0.36 0.50 22.71
CA LEU A 344 -0.42 1.64 23.17
C LEU A 344 0.10 2.98 22.73
N ASN A 345 1.40 3.08 22.47
CA ASN A 345 2.00 4.32 21.90
C ASN A 345 1.91 4.38 20.38
N GLY A 346 1.25 3.36 19.78
CA GLY A 346 0.99 3.38 18.37
C GLY A 346 2.21 3.03 17.57
N GLN A 347 3.18 2.33 18.19
CA GLN A 347 4.37 1.80 17.52
C GLN A 347 4.27 0.28 17.54
N PRO A 348 4.98 -0.43 16.61
CA PRO A 348 4.97 -1.86 16.66
C PRO A 348 5.52 -2.38 17.98
N THR A 349 5.05 -3.54 18.41
CA THR A 349 5.61 -4.15 19.59
C THR A 349 6.93 -4.88 19.28
N SER A 350 7.21 -5.16 18.03
CA SER A 350 8.46 -5.74 17.64
C SER A 350 9.56 -4.67 17.52
N PRO A 351 10.80 -5.05 17.90
CA PRO A 351 11.97 -4.17 17.69
C PRO A 351 12.32 -4.06 16.23
N MET A 352 12.99 -2.97 15.87
CA MET A 352 13.30 -2.69 14.48
C MET A 352 14.25 -3.73 13.79
N ASP A 353 14.94 -4.53 14.61
CA ASP A 353 15.81 -5.62 14.14
C ASP A 353 15.12 -6.99 14.02
N SER A 354 13.85 -7.08 14.41
CA SER A 354 13.09 -8.37 14.30
C SER A 354 12.95 -8.86 12.84
N THR A 355 13.06 -10.18 12.67
CA THR A 355 12.81 -10.87 11.39
C THR A 355 11.50 -11.66 11.46
N THR A 356 10.74 -11.50 12.53
CA THR A 356 9.51 -12.25 12.75
C THR A 356 8.29 -11.42 13.12
N ALA A 357 8.31 -10.14 12.75
CA ALA A 357 7.23 -9.19 13.09
C ALA A 357 5.93 -9.43 12.28
N ALA A 358 6.09 -9.89 11.03
CA ALA A 358 4.97 -10.22 10.14
C ALA A 358 4.42 -11.59 10.48
N ASN A 359 3.21 -11.63 11.00
CA ASN A 359 2.52 -12.86 11.32
C ASN A 359 1.56 -13.19 10.21
N ASN A 360 1.60 -14.45 9.76
CA ASN A 360 0.81 -14.90 8.60
C ASN A 360 -0.65 -15.08 8.95
N ILE A 361 -1.51 -14.48 8.14
CA ILE A 361 -2.98 -14.58 8.32
C ILE A 361 -3.57 -15.52 7.24
N LEU A 362 -3.20 -15.28 6.00
CA LEU A 362 -3.63 -16.05 4.87
C LEU A 362 -2.39 -16.22 3.96
N THR A 363 -2.03 -17.45 3.59
CA THR A 363 -0.83 -17.77 2.79
C THR A 363 -1.06 -18.75 1.66
N SER A 364 -0.19 -18.67 0.67
CA SER A 364 -0.22 -19.59 -0.43
C SER A 364 0.29 -20.93 0.07
N PRO A 365 -0.46 -22.03 -0.19
CA PRO A 365 0.02 -23.32 0.34
C PRO A 365 1.39 -23.76 -0.21
N ASP A 366 1.77 -23.29 -1.40
CA ASP A 366 3.05 -23.69 -2.00
C ASP A 366 3.60 -22.58 -2.86
N LEU A 367 4.67 -21.95 -2.37
CA LEU A 367 5.26 -20.73 -2.99
C LEU A 367 5.89 -20.95 -4.37
N THR A 368 6.25 -22.20 -4.65
CA THR A 368 6.86 -22.56 -5.94
C THR A 368 5.88 -22.43 -7.08
N GLN A 369 4.58 -22.38 -6.75
CA GLN A 369 3.52 -22.21 -7.77
C GLN A 369 3.22 -20.75 -8.16
N CYS A 370 3.76 -19.82 -7.37
CA CYS A 370 3.43 -18.44 -7.52
C CYS A 370 4.44 -17.91 -8.48
N PRO A 371 4.10 -16.89 -9.25
CA PRO A 371 2.81 -16.19 -9.22
C PRO A 371 1.61 -16.86 -9.84
N ASP A 372 1.86 -17.84 -10.68
CA ASP A 372 0.88 -18.31 -11.65
C ASP A 372 -0.30 -18.99 -11.03
N ASP A 373 -0.09 -19.76 -9.97
CA ASP A 373 -1.23 -20.39 -9.23
C ASP A 373 -1.33 -19.97 -7.80
N CYS A 374 -1.28 -18.65 -7.63
CA CYS A 374 -1.34 -18.02 -6.32
C CYS A 374 -2.15 -16.74 -6.43
N PHE A 375 -2.91 -16.42 -5.38
CA PHE A 375 -3.40 -15.01 -5.28
C PHE A 375 -2.28 -13.97 -5.12
N THR A 376 -2.54 -12.77 -5.58
CA THR A 376 -1.63 -11.62 -5.42
C THR A 376 -2.41 -10.42 -4.76
N PRO A 377 -2.48 -10.43 -3.41
CA PRO A 377 -3.23 -9.44 -2.64
C PRO A 377 -2.72 -8.02 -2.87
N VAL A 378 -3.68 -7.12 -3.02
CA VAL A 378 -3.37 -5.70 -3.27
C VAL A 378 -4.05 -4.80 -2.24
N GLY A 379 -5.38 -4.67 -2.32
CA GLY A 379 -6.10 -3.60 -1.64
C GLY A 379 -6.76 -4.17 -0.44
N LEU A 380 -6.83 -3.38 0.61
CA LEU A 380 -7.53 -3.81 1.79
C LEU A 380 -8.52 -2.77 2.26
N THR A 381 -9.59 -3.26 2.88
CA THR A 381 -10.50 -2.37 3.61
C THR A 381 -11.36 -3.07 4.64
N PHE A 382 -11.80 -2.30 5.62
CA PHE A 382 -12.62 -2.78 6.70
C PHE A 382 -14.06 -2.41 6.43
N ASP A 383 -15.00 -3.25 6.81
CA ASP A 383 -16.36 -2.75 6.85
C ASP A 383 -16.68 -2.20 8.26
N THR A 384 -17.94 -1.85 8.48
CA THR A 384 -18.37 -1.22 9.75
C THR A 384 -18.32 -2.14 10.90
N ILE A 385 -18.37 -3.45 10.63
CA ILE A 385 -18.38 -4.44 11.74
C ILE A 385 -16.99 -5.09 11.92
N GLY A 386 -15.96 -4.57 11.25
CA GLY A 386 -14.61 -5.10 11.44
C GLY A 386 -14.23 -6.25 10.53
N ARG A 387 -15.08 -6.61 9.56
CA ARG A 387 -14.69 -7.67 8.60
C ARG A 387 -13.65 -7.09 7.65
N LEU A 388 -12.68 -7.89 7.24
CA LEU A 388 -11.61 -7.42 6.32
C LEU A 388 -11.91 -7.91 4.89
N PHE A 389 -11.81 -7.01 3.93
CA PHE A 389 -12.03 -7.35 2.52
C PHE A 389 -10.75 -7.04 1.79
N PHE A 390 -10.41 -7.85 0.78
CA PHE A 390 -9.22 -7.57 0.03
C PHE A 390 -9.31 -7.95 -1.44
N SER A 391 -8.60 -7.23 -2.27
CA SER A 391 -8.52 -7.53 -3.69
C SER A 391 -7.27 -8.31 -4.10
N SER A 392 -7.39 -9.05 -5.22
CA SER A 392 -6.26 -9.86 -5.80
C SER A 392 -6.28 -9.47 -7.24
N ASP A 393 -5.40 -8.56 -7.62
CA ASP A 393 -5.50 -7.98 -8.95
C ASP A 393 -5.27 -9.00 -10.07
N SER A 394 -4.32 -9.90 -9.90
CA SER A 394 -3.98 -10.77 -11.05
C SER A 394 -5.02 -11.93 -11.22
N THR A 395 -5.84 -12.23 -10.21
CA THR A 395 -6.86 -13.27 -10.34
C THR A 395 -8.26 -12.73 -10.46
N GLY A 396 -8.44 -11.39 -10.45
CA GLY A 396 -9.75 -10.76 -10.67
C GLY A 396 -10.75 -11.00 -9.52
N GLU A 397 -10.23 -11.21 -8.31
CA GLU A 397 -11.01 -11.63 -7.15
C GLU A 397 -11.05 -10.61 -5.99
N ILE A 398 -12.15 -10.73 -5.20
CA ILE A 398 -12.38 -10.04 -3.95
C ILE A 398 -12.76 -11.09 -2.96
N PHE A 399 -12.16 -10.98 -1.79
CA PHE A 399 -12.35 -11.90 -0.71
C PHE A 399 -12.85 -11.18 0.55
N VAL A 400 -13.51 -11.92 1.42
CA VAL A 400 -13.74 -11.47 2.74
C VAL A 400 -12.93 -12.37 3.71
N LEU A 401 -12.51 -11.82 4.83
CA LEU A 401 -11.64 -12.50 5.77
C LEU A 401 -12.05 -12.04 7.15
N GLN A 402 -12.20 -12.96 8.10
CA GLN A 402 -12.56 -12.58 9.47
C GLN A 402 -12.12 -13.62 10.47
N GLN A 403 -12.00 -13.28 11.75
CA GLN A 403 -11.84 -14.37 12.77
C GLN A 403 -13.15 -15.14 12.97
N SER A 404 -13.07 -16.44 13.21
CA SER A 404 -14.25 -17.36 13.15
C SER A 404 -15.02 -17.47 14.44
C1 NAG B . -21.43 -7.68 -13.54
C2 NAG B . -20.75 -9.04 -13.47
C3 NAG B . -20.79 -9.81 -14.79
C4 NAG B . -22.20 -9.81 -15.36
C5 NAG B . -22.76 -8.38 -15.38
C6 NAG B . -24.24 -8.39 -15.75
C7 NAG B . -18.93 -9.00 -11.84
C8 NAG B . -17.48 -8.77 -11.66
N2 NAG B . -19.35 -8.84 -13.09
O3 NAG B . -20.30 -11.16 -14.58
O4 NAG B . -22.22 -10.24 -16.72
O5 NAG B . -22.75 -7.80 -14.08
O6 NAG B . -24.85 -9.50 -15.06
O7 NAG B . -19.66 -9.28 -10.92
C1 NAG B . -22.61 -11.61 -16.90
C2 NAG B . -22.98 -11.82 -18.37
C3 NAG B . -23.36 -13.28 -18.56
C4 NAG B . -22.15 -14.14 -18.21
C5 NAG B . -21.69 -13.84 -16.79
C6 NAG B . -20.28 -14.36 -16.46
C7 NAG B . -23.90 -9.87 -19.52
C8 NAG B . -25.17 -9.14 -19.86
N2 NAG B . -24.08 -10.97 -18.80
O3 NAG B . -23.66 -13.41 -19.94
O4 NAG B . -22.50 -15.52 -18.40
O5 NAG B . -21.53 -12.43 -16.61
O6 NAG B . -20.33 -15.75 -16.17
O7 NAG B . -22.81 -9.47 -19.90
C1 NAG C . 24.16 -0.33 -9.29
C2 NAG C . 23.07 -1.36 -9.09
C3 NAG C . 23.32 -2.57 -10.00
C4 NAG C . 23.67 -2.11 -11.43
C5 NAG C . 24.75 -1.02 -11.43
C6 NAG C . 25.07 -0.45 -12.80
C7 NAG C . 22.07 -1.75 -6.83
C8 NAG C . 20.65 -1.52 -7.34
N2 NAG C . 23.11 -1.69 -7.70
O3 NAG C . 22.24 -3.53 -9.99
O4 NAG C . 24.29 -3.16 -12.15
O5 NAG C . 24.27 0.05 -10.65
O6 NAG C . 23.84 -0.01 -13.38
O7 NAG C . 22.26 -2.04 -5.64
C1 NAG C . 23.42 -4.04 -12.89
C2 NAG C . 24.00 -4.09 -14.30
C3 NAG C . 23.24 -5.13 -15.11
C4 NAG C . 23.26 -6.46 -14.40
C5 NAG C . 22.70 -6.34 -12.98
C6 NAG C . 22.83 -7.70 -12.28
C7 NAG C . 24.63 -2.25 -15.94
C8 NAG C . 26.12 -2.54 -15.99
N2 NAG C . 23.77 -2.92 -15.15
O3 NAG C . 23.80 -5.26 -16.46
O4 NAG C . 22.41 -7.29 -15.20
O5 NAG C . 23.40 -5.30 -12.23
O6 NAG C . 21.59 -7.99 -11.61
O7 NAG C . 24.15 -1.34 -16.61
C1 BMA C . 23.18 -8.32 -15.85
C2 BMA C . 22.16 -9.32 -16.37
C3 BMA C . 22.91 -10.50 -16.96
C4 BMA C . 23.92 -10.00 -18.03
C5 BMA C . 24.90 -8.92 -17.46
C6 BMA C . 25.96 -8.36 -18.43
O2 BMA C . 21.37 -8.72 -17.41
O3 BMA C . 21.97 -11.51 -17.42
O4 BMA C . 24.63 -11.16 -18.51
O5 BMA C . 24.10 -7.84 -16.88
O6 BMA C . 27.23 -8.12 -17.75
C1 PGE D . -23.69 -4.29 3.00
O1 PGE D . -24.91 -5.04 2.87
C2 PGE D . -22.55 -5.17 3.46
O2 PGE D . -21.69 -4.40 4.31
C3 PGE D . -21.40 -4.87 5.64
C4 PGE D . -21.73 -3.88 6.75
O4 PGE D . -24.40 -5.51 5.99
C6 PGE D . -24.75 -5.29 7.37
C5 PGE D . -23.83 -4.25 8.03
O3 PGE D . -22.41 -4.52 7.87
CA CA E . 14.28 3.36 3.30
C1 NAG F . 2.29 21.93 -13.62
C2 NAG F . 1.48 23.16 -13.19
C3 NAG F . 1.65 24.23 -14.30
C4 NAG F . 3.11 24.45 -14.81
C5 NAG F . 3.93 23.16 -14.85
C6 NAG F . 5.43 23.45 -14.92
C7 NAG F . -0.61 23.34 -11.84
C8 NAG F . -2.10 23.22 -11.79
N2 NAG F . 0.02 23.01 -12.99
O3 NAG F . 1.15 25.48 -13.82
O4 NAG F . 3.09 25.00 -16.14
O5 NAG F . 3.66 22.36 -13.70
O6 NAG F . 6.07 22.37 -15.65
O7 NAG F . -0.01 23.70 -10.84
C1 NAG G . 15.08 19.68 -9.37
C2 NAG G . 15.90 19.98 -10.62
C3 NAG G . 15.44 21.32 -11.17
C4 NAG G . 14.00 21.13 -11.64
C5 NAG G . 13.12 20.39 -10.58
C6 NAG G . 12.15 19.39 -11.18
C7 NAG G . 18.14 20.15 -9.37
C8 NAG G . 17.85 21.24 -8.35
N2 NAG G . 17.30 19.70 -10.34
O3 NAG G . 16.19 21.74 -12.32
O4 NAG G . 13.47 22.42 -12.04
O5 NAG G . 13.74 19.45 -9.71
O6 NAG G . 11.06 20.12 -11.68
O7 NAG G . 19.25 19.64 -9.34
C1 NAG H . -8.93 -4.68 19.59
C2 NAG H . -8.86 -5.44 20.94
C3 NAG H . -8.30 -6.85 20.76
C4 NAG H . -9.11 -7.63 19.73
C5 NAG H . -9.11 -6.91 18.38
C6 NAG H . -10.27 -7.38 17.50
C7 NAG H . -8.57 -3.93 22.89
C8 NAG H . -7.57 -3.24 23.76
N2 NAG H . -8.07 -4.68 21.91
O3 NAG H . -8.38 -7.52 22.01
O4 NAG H . -8.59 -8.99 19.61
O5 NAG H . -9.26 -5.48 18.44
O6 NAG H . -11.51 -7.08 18.15
O7 NAG H . -9.77 -3.80 23.10
#